data_8BZC
#
_entry.id   8BZC
#
_cell.length_a   81.723
_cell.length_b   112.327
_cell.length_c   62.374
_cell.angle_alpha   90.00
_cell.angle_beta   90.00
_cell.angle_gamma   90.00
#
_symmetry.space_group_name_H-M   'C 2 2 21'
#
loop_
_entity.id
_entity.type
_entity.pdbx_description
1 polymer '14-3-3 protein sigma'
2 polymer 'ERalpha peptide'
3 non-polymer 'MAGNESIUM ION'
4 non-polymer 2-(4-chloranylphenoxy)-2-methyl-~{N}-(2-sulfanylethyl)propanamide
5 non-polymer 4-[(~{R})-azanyl(oxidanyl)methyl]-7-propan-2-yloxy-1-benzothiophene-2-carboximidamide
6 water water
#
loop_
_entity_poly.entity_id
_entity_poly.type
_entity_poly.pdbx_seq_one_letter_code
_entity_poly.pdbx_strand_id
1 'polypeptide(L)'
;GAMGSMERASLIQKAKLAEQAERYEDMAAFMKGAVEKGEELSNEERCLLSVAYKNVVGGQRAAWRVLSSIEQKSNEEGSE
EKGPEVREYREKVETELQGVCDTVLGLLDSHLIKEAGDAESRVFYLKMKGDYYRYLAEVATGDDKKRIIDSARSAYQEAM
DISKKEMPPTNPIRLGLALNFSVFHYEIANSPEEAISLAKTTFDEAMADLHTLSEDSYKDSTLIMQLLRDNLTLWT
;
A
2 'polypeptide(L)' FPA(TPO)V B
#
loop_
_chem_comp.id
_chem_comp.type
_chem_comp.name
_chem_comp.formula
GEH non-polymer 2-(4-chloranylphenoxy)-2-methyl-~{N}-(2-sulfanylethyl)propanamide 'C12 H16 Cl N O2 S'
MG non-polymer 'MAGNESIUM ION' 'Mg 2'
SG0 non-polymer 4-[(~{R})-azanyl(oxidanyl)methyl]-7-propan-2-yloxy-1-benzothiophene-2-carboximidamide 'C13 H17 N3 O2 S'
#
# COMPACT_ATOMS: atom_id res chain seq x y z
N GLY A 1 -14.45 0.22 -19.78
CA GLY A 1 -14.54 1.22 -18.72
C GLY A 1 -15.95 1.72 -18.44
N ALA A 2 -16.54 1.19 -17.35
CA ALA A 2 -17.92 1.52 -17.02
C ALA A 2 -18.09 2.99 -16.66
N MET A 3 -16.98 3.69 -16.35
CA MET A 3 -17.12 5.08 -15.98
C MET A 3 -16.79 5.99 -17.18
N GLY A 4 -16.69 5.41 -18.37
CA GLY A 4 -16.26 6.16 -19.54
C GLY A 4 -17.15 7.33 -19.88
N SER A 5 -18.44 7.26 -19.54
CA SER A 5 -19.35 8.33 -19.90
C SER A 5 -19.45 9.42 -18.85
N MET A 6 -18.79 9.29 -17.70
CA MET A 6 -18.90 10.30 -16.65
C MET A 6 -17.71 11.26 -16.71
N GLU A 7 -17.99 12.55 -16.54
CA GLU A 7 -16.94 13.55 -16.55
C GLU A 7 -15.88 13.26 -15.48
N ARG A 8 -14.62 13.57 -15.80
CA ARG A 8 -13.54 13.43 -14.83
C ARG A 8 -13.86 14.16 -13.53
N ALA A 9 -14.30 15.41 -13.61
CA ALA A 9 -14.54 16.18 -12.40
C ALA A 9 -15.66 15.56 -11.57
N SER A 10 -16.68 15.02 -12.25
CA SER A 10 -17.78 14.37 -11.54
C SER A 10 -17.31 13.10 -10.85
N LEU A 11 -16.42 12.35 -11.48
CA LEU A 11 -15.85 11.17 -10.84
C LEU A 11 -15.08 11.53 -9.58
N ILE A 12 -14.29 12.60 -9.63
CA ILE A 12 -13.55 13.03 -8.45
C ILE A 12 -14.51 13.48 -7.36
N GLN A 13 -15.53 14.25 -7.74
CA GLN A 13 -16.51 14.72 -6.77
C GLN A 13 -17.22 13.54 -6.11
N LYS A 14 -17.61 12.54 -6.91
CA LYS A 14 -18.28 11.39 -6.33
C LYS A 14 -17.35 10.52 -5.50
N ALA A 15 -16.06 10.45 -5.85
CA ALA A 15 -15.12 9.74 -5.00
C ALA A 15 -15.09 10.36 -3.60
N LYS A 16 -15.11 11.70 -3.54
CA LYS A 16 -15.10 12.36 -2.25
C LYS A 16 -16.39 12.10 -1.48
N LEU A 17 -17.52 12.08 -2.17
CA LEU A 17 -18.78 11.74 -1.51
C LEU A 17 -18.77 10.30 -1.01
N ALA A 18 -18.27 9.39 -1.84
CA ALA A 18 -18.21 8.00 -1.44
C ALA A 18 -17.33 7.83 -0.20
N GLU A 19 -16.24 8.58 -0.13
CA GLU A 19 -15.41 8.53 1.08
C GLU A 19 -16.21 8.98 2.29
N GLN A 20 -16.94 10.10 2.19
CA GLN A 20 -17.75 10.58 3.30
C GLN A 20 -18.78 9.55 3.72
N ALA A 21 -19.31 8.79 2.78
CA ALA A 21 -20.31 7.77 3.06
C ALA A 21 -19.71 6.43 3.41
N GLU A 22 -18.37 6.34 3.49
CA GLU A 22 -17.66 5.09 3.79
C GLU A 22 -18.00 3.99 2.79
N ARG A 23 -18.12 4.37 1.53
CA ARG A 23 -18.41 3.47 0.42
C ARG A 23 -17.13 3.33 -0.40
N TYR A 24 -16.20 2.52 0.12
CA TYR A 24 -14.86 2.54 -0.46
C TYR A 24 -14.78 1.79 -1.77
N GLU A 25 -15.61 0.78 -1.99
CA GLU A 25 -15.63 0.15 -3.29
C GLU A 25 -16.11 1.12 -4.36
N ASP A 26 -17.16 1.89 -4.08
CA ASP A 26 -17.58 2.93 -5.01
C ASP A 26 -16.45 3.94 -5.23
N MET A 27 -15.83 4.38 -4.14
CA MET A 27 -14.73 5.33 -4.22
C MET A 27 -13.63 4.82 -5.16
N ALA A 28 -13.27 3.56 -5.03
CA ALA A 28 -12.24 3.00 -5.88
C ALA A 28 -12.69 2.96 -7.33
N ALA A 29 -13.96 2.58 -7.58
CA ALA A 29 -14.44 2.54 -8.95
C ALA A 29 -14.44 3.93 -9.58
N PHE A 30 -14.83 4.95 -8.81
CA PHE A 30 -14.81 6.31 -9.34
C PHE A 30 -13.38 6.76 -9.64
N MET A 31 -12.43 6.46 -8.75
CA MET A 31 -11.03 6.84 -8.99
C MET A 31 -10.41 6.06 -10.14
N LYS A 32 -10.73 4.78 -10.30
CA LYS A 32 -10.29 4.05 -11.47
C LYS A 32 -10.78 4.73 -12.75
N GLY A 33 -12.06 5.14 -12.76
CA GLY A 33 -12.58 5.88 -13.89
C GLY A 33 -11.83 7.18 -14.15
N ALA A 34 -11.50 7.91 -13.07
CA ALA A 34 -10.75 9.14 -13.24
C ALA A 34 -9.37 8.87 -13.83
N VAL A 35 -8.66 7.88 -13.31
CA VAL A 35 -7.36 7.54 -13.87
C VAL A 35 -7.49 7.21 -15.34
N GLU A 36 -8.52 6.47 -15.70
CA GLU A 36 -8.66 6.01 -17.07
C GLU A 36 -9.01 7.14 -18.03
N LYS A 37 -9.27 8.35 -17.53
CA LYS A 37 -9.37 9.50 -18.44
C LYS A 37 -8.04 9.83 -19.11
N GLY A 38 -6.93 9.36 -18.55
CA GLY A 38 -5.65 9.50 -19.21
C GLY A 38 -4.82 10.69 -18.78
N GLU A 39 -5.37 11.62 -18.04
CA GLU A 39 -4.64 12.77 -17.51
C GLU A 39 -3.89 12.37 -16.25
N GLU A 40 -2.82 13.10 -15.97
CA GLU A 40 -2.12 12.95 -14.71
C GLU A 40 -3.04 13.33 -13.57
N LEU A 41 -2.72 12.83 -12.37
CA LEU A 41 -3.47 13.11 -11.16
C LEU A 41 -2.74 14.16 -10.33
N SER A 42 -3.48 15.01 -9.68
CA SER A 42 -2.93 15.96 -8.71
C SER A 42 -2.59 15.24 -7.42
N ASN A 43 -1.94 15.97 -6.51
N ASN A 43 -1.94 15.97 -6.51
CA ASN A 43 -1.58 15.40 -5.21
CA ASN A 43 -1.62 15.40 -5.21
C ASN A 43 -2.82 14.89 -4.46
C ASN A 43 -2.86 14.85 -4.53
N GLU A 44 -3.88 15.70 -4.42
CA GLU A 44 -5.09 15.28 -3.73
C GLU A 44 -5.73 14.08 -4.42
N GLU A 45 -5.71 14.07 -5.75
CA GLU A 45 -6.32 12.95 -6.47
C GLU A 45 -5.54 11.66 -6.25
N ARG A 46 -4.20 11.74 -6.17
CA ARG A 46 -3.42 10.56 -5.82
C ARG A 46 -3.80 10.04 -4.44
N CYS A 47 -4.02 10.94 -3.49
CA CYS A 47 -4.48 10.53 -2.18
C CYS A 47 -5.84 9.84 -2.24
N LEU A 48 -6.79 10.37 -3.03
CA LEU A 48 -8.08 9.71 -3.13
C LEU A 48 -7.94 8.31 -3.71
N LEU A 49 -7.12 8.14 -4.73
CA LEU A 49 -6.91 6.83 -5.33
C LEU A 49 -6.35 5.87 -4.29
N SER A 50 -5.35 6.31 -3.55
CA SER A 50 -4.70 5.45 -2.58
C SER A 50 -5.63 5.10 -1.43
N VAL A 51 -6.38 6.07 -0.92
CA VAL A 51 -7.28 5.81 0.20
C VAL A 51 -8.33 4.79 -0.21
N ALA A 52 -8.89 4.94 -1.40
CA ALA A 52 -9.95 4.07 -1.86
C ALA A 52 -9.46 2.62 -1.89
N TYR A 53 -8.37 2.38 -2.60
CA TYR A 53 -7.90 1.00 -2.74
C TYR A 53 -7.30 0.46 -1.46
N LYS A 54 -6.66 1.29 -0.66
CA LYS A 54 -6.15 0.83 0.63
C LYS A 54 -7.27 0.29 1.50
N ASN A 55 -8.41 0.95 1.51
CA ASN A 55 -9.53 0.50 2.31
C ASN A 55 -10.14 -0.77 1.74
N VAL A 56 -10.31 -0.85 0.43
CA VAL A 56 -10.86 -2.06 -0.18
C VAL A 56 -9.95 -3.24 0.12
N VAL A 57 -8.67 -3.14 -0.25
CA VAL A 57 -7.77 -4.28 -0.08
C VAL A 57 -7.54 -4.56 1.40
N GLY A 58 -7.56 -3.54 2.25
CA GLY A 58 -7.38 -3.78 3.67
C GLY A 58 -8.47 -4.66 4.23
N GLY A 59 -9.72 -4.43 3.80
CA GLY A 59 -10.79 -5.29 4.24
C GLY A 59 -10.64 -6.71 3.71
N GLN A 60 -10.18 -6.84 2.47
CA GLN A 60 -9.98 -8.16 1.91
C GLN A 60 -8.88 -8.91 2.66
N ARG A 61 -7.78 -8.20 2.99
CA ARG A 61 -6.68 -8.81 3.71
C ARG A 61 -7.13 -9.27 5.10
N ALA A 62 -7.90 -8.46 5.79
CA ALA A 62 -8.38 -8.84 7.10
C ALA A 62 -9.25 -10.09 7.02
N ALA A 63 -10.11 -10.16 6.00
CA ALA A 63 -10.95 -11.34 5.84
C ALA A 63 -10.12 -12.56 5.47
N TRP A 64 -9.17 -12.39 4.56
CA TRP A 64 -8.28 -13.49 4.19
C TRP A 64 -7.55 -14.04 5.42
N ARG A 65 -7.10 -13.17 6.31
CA ARG A 65 -6.38 -13.64 7.49
C ARG A 65 -7.30 -14.44 8.40
N VAL A 66 -8.54 -13.98 8.59
CA VAL A 66 -9.49 -14.73 9.40
C VAL A 66 -9.68 -16.12 8.82
N LEU A 67 -9.91 -16.20 7.52
CA LEU A 67 -10.19 -17.48 6.87
C LEU A 67 -8.98 -18.38 6.86
N SER A 68 -7.80 -17.81 6.61
CA SER A 68 -6.57 -18.58 6.61
C SER A 68 -6.31 -19.19 7.98
N SER A 69 -6.60 -18.44 9.05
CA SER A 69 -6.44 -18.97 10.39
C SER A 69 -7.38 -20.14 10.63
N ILE A 70 -8.64 -20.01 10.23
CA ILE A 70 -9.59 -21.11 10.37
C ILE A 70 -9.11 -22.31 9.56
N GLU A 71 -8.59 -22.08 8.36
CA GLU A 71 -8.12 -23.17 7.52
C GLU A 71 -6.93 -23.87 8.15
N GLN A 72 -5.99 -23.11 8.72
CA GLN A 72 -4.85 -23.72 9.39
C GLN A 72 -5.31 -24.59 10.57
N LYS A 73 -6.24 -24.08 11.38
CA LYS A 73 -6.75 -24.85 12.50
C LYS A 73 -7.45 -26.12 12.04
N SER A 74 -8.11 -26.07 10.87
CA SER A 74 -8.81 -27.24 10.36
C SER A 74 -7.83 -28.33 9.90
N ASN A 75 -6.57 -27.97 9.67
CA ASN A 75 -5.57 -28.93 9.19
C ASN A 75 -4.68 -29.45 10.30
N GLU A 76 -4.89 -29.04 11.55
CA GLU A 76 -4.09 -29.53 12.66
C GLU A 76 -4.52 -30.94 13.05
N GLU A 77 -3.70 -31.59 13.86
CA GLU A 77 -4.01 -32.93 14.34
C GLU A 77 -5.19 -32.89 15.30
N GLY A 78 -6.01 -33.93 15.23
CA GLY A 78 -7.22 -34.00 16.03
C GLY A 78 -8.39 -33.21 15.51
N SER A 79 -8.18 -32.41 14.47
CA SER A 79 -9.27 -31.62 13.91
C SER A 79 -10.19 -32.51 13.09
N GLU A 80 -11.49 -32.20 13.13
CA GLU A 80 -12.49 -32.96 12.43
C GLU A 80 -12.61 -32.44 10.99
N GLU A 81 -12.65 -33.37 10.04
CA GLU A 81 -12.77 -33.01 8.63
C GLU A 81 -14.08 -32.27 8.40
N LYS A 82 -13.98 -31.05 7.86
CA LYS A 82 -15.15 -30.23 7.59
C LYS A 82 -15.37 -29.99 6.10
N GLY A 83 -14.62 -30.68 5.24
CA GLY A 83 -14.83 -30.60 3.82
C GLY A 83 -13.99 -29.51 3.16
N PRO A 84 -14.22 -29.29 1.87
CA PRO A 84 -13.45 -28.30 1.11
C PRO A 84 -13.89 -26.86 1.31
N GLU A 85 -14.91 -26.60 2.11
CA GLU A 85 -15.54 -25.28 2.09
C GLU A 85 -14.64 -24.16 2.59
N VAL A 86 -13.89 -24.39 3.67
CA VAL A 86 -13.02 -23.34 4.18
C VAL A 86 -11.98 -22.96 3.14
N ARG A 87 -11.33 -23.96 2.55
CA ARG A 87 -10.34 -23.68 1.51
C ARG A 87 -11.00 -22.96 0.35
N GLU A 88 -12.18 -23.42 -0.08
CA GLU A 88 -12.83 -22.80 -1.21
C GLU A 88 -13.12 -21.34 -0.93
N TYR A 89 -13.63 -21.04 0.26
CA TYR A 89 -14.03 -19.67 0.53
C TYR A 89 -12.80 -18.79 0.74
N ARG A 90 -11.75 -19.30 1.39
CA ARG A 90 -10.48 -18.57 1.45
C ARG A 90 -9.96 -18.28 0.05
N GLU A 91 -10.06 -19.26 -0.86
CA GLU A 91 -9.61 -19.07 -2.23
C GLU A 91 -10.46 -18.02 -2.94
N LYS A 92 -11.76 -17.99 -2.69
CA LYS A 92 -12.63 -16.97 -3.28
C LYS A 92 -12.19 -15.58 -2.87
N VAL A 93 -11.99 -15.36 -1.58
CA VAL A 93 -11.56 -14.06 -1.10
C VAL A 93 -10.17 -13.74 -1.65
N GLU A 94 -9.29 -14.73 -1.66
CA GLU A 94 -7.94 -14.53 -2.19
C GLU A 94 -7.96 -14.10 -3.66
N THR A 95 -8.81 -14.73 -4.47
CA THR A 95 -8.87 -14.39 -5.88
C THR A 95 -9.42 -12.99 -6.08
N GLU A 96 -10.38 -12.60 -5.26
CA GLU A 96 -10.88 -11.23 -5.35
C GLU A 96 -9.82 -10.22 -4.95
N LEU A 97 -9.07 -10.51 -3.88
CA LEU A 97 -7.96 -9.66 -3.46
C LEU A 97 -6.93 -9.53 -4.57
N GLN A 98 -6.54 -10.65 -5.18
CA GLN A 98 -5.58 -10.60 -6.25
C GLN A 98 -6.11 -9.76 -7.41
N GLY A 99 -7.41 -9.86 -7.68
CA GLY A 99 -8.00 -9.06 -8.74
C GLY A 99 -7.90 -7.58 -8.48
N VAL A 100 -8.14 -7.16 -7.24
CA VAL A 100 -7.99 -5.75 -6.91
C VAL A 100 -6.54 -5.32 -7.05
N CYS A 101 -5.60 -6.11 -6.53
CA CYS A 101 -4.20 -5.77 -6.67
C CYS A 101 -3.81 -5.67 -8.14
N ASP A 102 -4.26 -6.60 -8.96
CA ASP A 102 -3.96 -6.55 -10.38
C ASP A 102 -4.52 -5.29 -11.02
N THR A 103 -5.72 -4.87 -10.59
CA THR A 103 -6.31 -3.66 -11.13
C THR A 103 -5.47 -2.44 -10.77
N VAL A 104 -5.06 -2.32 -9.51
CA VAL A 104 -4.23 -1.18 -9.11
C VAL A 104 -2.91 -1.19 -9.86
N LEU A 105 -2.24 -2.34 -9.89
CA LEU A 105 -0.98 -2.43 -10.61
C LEU A 105 -1.18 -2.10 -12.09
N GLY A 106 -2.31 -2.49 -12.65
CA GLY A 106 -2.59 -2.16 -14.03
C GLY A 106 -2.72 -0.65 -14.27
N LEU A 107 -3.37 0.06 -13.35
CA LEU A 107 -3.46 1.50 -13.47
C LEU A 107 -2.09 2.15 -13.36
N LEU A 108 -1.26 1.65 -12.44
CA LEU A 108 0.08 2.20 -12.29
C LEU A 108 0.90 1.98 -13.55
N ASP A 109 0.77 0.81 -14.18
CA ASP A 109 1.50 0.50 -15.38
C ASP A 109 0.90 1.11 -16.63
N SER A 110 -0.37 1.51 -16.60
CA SER A 110 -1.07 2.00 -17.79
C SER A 110 -1.93 3.21 -17.39
N HIS A 111 -1.33 4.39 -17.22
CA HIS A 111 0.07 4.72 -17.52
C HIS A 111 0.60 5.71 -16.49
N LEU A 112 0.21 5.54 -15.22
CA LEU A 112 0.50 6.57 -14.23
C LEU A 112 2.00 6.72 -14.01
N ILE A 113 2.72 5.61 -13.83
CA ILE A 113 4.14 5.73 -13.49
C ILE A 113 4.92 6.37 -14.63
N LYS A 114 4.66 5.94 -15.86
CA LYS A 114 5.50 6.41 -16.94
C LYS A 114 5.33 7.91 -17.19
N GLU A 115 4.22 8.51 -16.79
CA GLU A 115 4.04 9.94 -16.96
C GLU A 115 4.43 10.75 -15.72
N ALA A 116 4.85 10.08 -14.64
CA ALA A 116 5.12 10.76 -13.37
C ALA A 116 6.60 11.15 -13.32
N GLY A 117 6.88 12.44 -13.42
CA GLY A 117 8.24 12.93 -13.42
C GLY A 117 8.67 13.62 -12.14
N ASP A 118 7.74 14.25 -11.42
CA ASP A 118 8.11 14.90 -10.17
C ASP A 118 8.25 13.84 -9.09
N ALA A 119 9.14 14.10 -8.13
CA ALA A 119 9.35 13.10 -7.09
C ALA A 119 8.08 12.82 -6.31
N GLU A 120 7.27 13.85 -6.04
CA GLU A 120 6.10 13.61 -5.20
C GLU A 120 5.13 12.66 -5.88
N SER A 121 5.05 12.68 -7.22
CA SER A 121 4.13 11.75 -7.86
C SER A 121 4.81 10.41 -8.06
N ARG A 122 6.03 10.42 -8.61
CA ARG A 122 6.70 9.17 -8.96
C ARG A 122 6.98 8.30 -7.74
N VAL A 123 7.49 8.90 -6.66
CA VAL A 123 7.70 8.14 -5.44
C VAL A 123 6.41 7.55 -4.93
N PHE A 124 5.34 8.36 -4.93
CA PHE A 124 4.06 7.88 -4.44
C PHE A 124 3.57 6.67 -5.23
N TYR A 125 3.67 6.73 -6.56
CA TYR A 125 3.19 5.62 -7.39
C TYR A 125 4.07 4.39 -7.23
N LEU A 126 5.38 4.56 -7.16
CA LEU A 126 6.27 3.41 -6.98
C LEU A 126 6.07 2.78 -5.62
N LYS A 127 5.81 3.58 -4.60
CA LYS A 127 5.43 3.05 -3.29
C LYS A 127 4.15 2.21 -3.41
N MET A 128 3.14 2.73 -4.10
CA MET A 128 1.91 1.96 -4.31
C MET A 128 2.21 0.64 -5.02
N LYS A 129 3.05 0.67 -6.04
CA LYS A 129 3.41 -0.55 -6.74
C LYS A 129 4.03 -1.56 -5.79
N GLY A 130 4.96 -1.11 -4.94
CA GLY A 130 5.51 -1.99 -3.93
C GLY A 130 4.46 -2.54 -2.99
N ASP A 131 3.54 -1.69 -2.55
CA ASP A 131 2.49 -2.10 -1.63
C ASP A 131 1.62 -3.19 -2.23
N TYR A 132 1.17 -3.01 -3.48
CA TYR A 132 0.23 -3.98 -4.06
C TYR A 132 0.94 -5.28 -4.44
N TYR A 133 2.21 -5.23 -4.83
CA TYR A 133 2.97 -6.49 -4.96
C TYR A 133 3.15 -7.14 -3.59
N ARG A 134 3.34 -6.34 -2.53
CA ARG A 134 3.45 -6.90 -1.19
C ARG A 134 2.16 -7.63 -0.80
N TYR A 135 0.99 -7.05 -1.11
CA TYR A 135 -0.26 -7.75 -0.79
C TYR A 135 -0.40 -9.03 -1.59
N LEU A 136 0.02 -9.03 -2.86
CA LEU A 136 0.07 -10.27 -3.62
C LEU A 136 1.01 -11.28 -2.96
N ALA A 137 2.16 -10.80 -2.46
CA ALA A 137 3.12 -11.70 -1.84
C ALA A 137 2.57 -12.32 -0.57
N GLU A 138 1.72 -11.61 0.17
CA GLU A 138 1.16 -12.13 1.41
C GLU A 138 0.37 -13.40 1.17
N VAL A 139 -0.23 -13.55 -0.01
CA VAL A 139 -1.08 -14.70 -0.31
C VAL A 139 -0.43 -15.66 -1.28
N ALA A 140 0.76 -15.36 -1.78
CA ALA A 140 1.39 -16.17 -2.82
C ALA A 140 1.99 -17.44 -2.25
N THR A 141 1.87 -18.52 -3.04
CA THR A 141 2.49 -19.80 -2.71
C THR A 141 3.03 -20.57 -3.91
N GLY A 142 2.94 -20.03 -5.13
CA GLY A 142 3.27 -20.78 -6.33
C GLY A 142 4.69 -20.55 -6.84
N ASP A 143 4.90 -21.00 -8.09
CA ASP A 143 6.22 -20.89 -8.72
C ASP A 143 6.71 -19.45 -8.79
N ASP A 144 5.78 -18.50 -8.85
CA ASP A 144 6.12 -17.09 -9.07
C ASP A 144 6.28 -16.31 -7.76
N LYS A 145 6.23 -16.95 -6.60
CA LYS A 145 6.24 -16.22 -5.34
C LYS A 145 7.51 -15.38 -5.19
N LYS A 146 8.66 -15.95 -5.52
CA LYS A 146 9.89 -15.17 -5.39
C LYS A 146 9.89 -13.98 -6.33
N ARG A 147 9.32 -14.14 -7.54
CA ARG A 147 9.28 -13.04 -8.48
C ARG A 147 8.32 -11.96 -7.98
N ILE A 148 7.22 -12.35 -7.33
CA ILE A 148 6.31 -11.36 -6.77
C ILE A 148 6.99 -10.55 -5.68
N ILE A 149 7.70 -11.23 -4.78
CA ILE A 149 8.46 -10.55 -3.74
C ILE A 149 9.48 -9.62 -4.35
N ASP A 150 10.17 -10.09 -5.39
CA ASP A 150 11.19 -9.25 -5.99
C ASP A 150 10.59 -8.03 -6.70
N SER A 151 9.39 -8.18 -7.26
CA SER A 151 8.74 -7.03 -7.88
C SER A 151 8.40 -5.98 -6.84
N ALA A 152 7.92 -6.40 -5.67
CA ALA A 152 7.70 -5.43 -4.60
C ALA A 152 9.00 -4.74 -4.21
N ARG A 153 10.04 -5.54 -3.97
CA ARG A 153 11.34 -4.98 -3.58
C ARG A 153 11.84 -3.97 -4.59
N SER A 154 11.76 -4.32 -5.87
CA SER A 154 12.30 -3.46 -6.91
C SER A 154 11.56 -2.12 -6.96
N ALA A 155 10.24 -2.15 -6.84
CA ALA A 155 9.47 -0.91 -6.86
C ALA A 155 9.81 -0.05 -5.66
N TYR A 156 9.82 -0.65 -4.47
CA TYR A 156 10.19 0.10 -3.28
C TYR A 156 11.59 0.67 -3.40
N GLN A 157 12.51 -0.11 -3.96
CA GLN A 157 13.90 0.35 -4.03
C GLN A 157 14.03 1.55 -4.98
N GLU A 158 13.35 1.51 -6.14
CA GLU A 158 13.38 2.67 -7.03
C GLU A 158 12.79 3.89 -6.33
N ALA A 159 11.69 3.70 -5.62
CA ALA A 159 11.08 4.81 -4.89
C ALA A 159 12.05 5.35 -3.84
N MET A 160 12.74 4.46 -3.14
CA MET A 160 13.68 4.89 -2.11
C MET A 160 14.80 5.71 -2.72
N ASP A 161 15.33 5.23 -3.84
CA ASP A 161 16.46 5.93 -4.46
C ASP A 161 16.07 7.34 -4.84
N ILE A 162 14.88 7.50 -5.46
CA ILE A 162 14.42 8.84 -5.83
C ILE A 162 14.19 9.69 -4.58
N SER A 163 13.53 9.11 -3.59
CA SER A 163 13.17 9.87 -2.40
C SER A 163 14.40 10.41 -1.68
N LYS A 164 15.47 9.62 -1.63
CA LYS A 164 16.67 10.07 -0.92
C LYS A 164 17.38 11.17 -1.69
N LYS A 165 17.27 11.17 -3.00
CA LYS A 165 17.90 12.21 -3.80
C LYS A 165 17.06 13.48 -3.88
N GLU A 166 15.73 13.38 -3.88
CA GLU A 166 14.88 14.49 -4.28
C GLU A 166 13.96 15.03 -3.20
N MET A 167 13.84 14.39 -2.06
CA MET A 167 12.94 14.80 -0.99
C MET A 167 13.69 15.00 0.30
N PRO A 168 13.27 15.94 1.14
CA PRO A 168 13.85 16.06 2.47
C PRO A 168 13.49 14.86 3.32
N PRO A 169 14.28 14.57 4.35
CA PRO A 169 14.03 13.38 5.16
C PRO A 169 12.73 13.41 5.92
N THR A 170 12.09 14.57 6.06
CA THR A 170 10.80 14.67 6.74
C THR A 170 9.60 14.60 5.79
N ASN A 171 9.82 14.54 4.48
CA ASN A 171 8.71 14.51 3.55
CA ASN A 171 8.71 14.51 3.55
C ASN A 171 7.80 13.35 3.90
N PRO A 172 6.50 13.57 4.11
CA PRO A 172 5.64 12.46 4.53
C PRO A 172 5.59 11.29 3.56
N ILE A 173 5.71 11.53 2.25
CA ILE A 173 5.74 10.42 1.31
C ILE A 173 7.01 9.59 1.49
N ARG A 174 8.14 10.27 1.62
CA ARG A 174 9.39 9.57 1.90
C ARG A 174 9.28 8.75 3.19
N LEU A 175 8.68 9.32 4.22
CA LEU A 175 8.55 8.61 5.49
C LEU A 175 7.62 7.41 5.35
N GLY A 176 6.48 7.59 4.67
CA GLY A 176 5.55 6.48 4.51
C GLY A 176 6.11 5.37 3.66
N LEU A 177 6.85 5.72 2.61
CA LEU A 177 7.56 4.73 1.83
C LEU A 177 8.49 3.91 2.71
N ALA A 178 9.30 4.58 3.53
CA ALA A 178 10.25 3.86 4.38
C ALA A 178 9.53 2.99 5.39
N LEU A 179 8.45 3.50 5.97
CA LEU A 179 7.63 2.72 6.89
C LEU A 179 7.19 1.42 6.23
N ASN A 180 6.66 1.52 5.02
CA ASN A 180 6.10 0.35 4.36
C ASN A 180 7.19 -0.59 3.86
N PHE A 181 8.29 -0.05 3.34
CA PHE A 181 9.39 -0.92 2.89
C PHE A 181 10.00 -1.65 4.07
N SER A 182 10.06 -0.99 5.23
CA SER A 182 10.53 -1.65 6.44
C SER A 182 9.60 -2.81 6.80
N VAL A 183 8.28 -2.61 6.73
CA VAL A 183 7.33 -3.70 6.95
C VAL A 183 7.53 -4.82 5.93
N PHE A 184 7.74 -4.48 4.66
CA PHE A 184 8.09 -5.47 3.65
C PHE A 184 9.28 -6.32 4.11
N HIS A 185 10.35 -5.67 4.56
CA HIS A 185 11.52 -6.43 4.99
C HIS A 185 11.15 -7.37 6.13
N TYR A 186 10.37 -6.90 7.09
CA TYR A 186 10.09 -7.68 8.28
C TYR A 186 9.16 -8.84 7.99
N GLU A 187 8.06 -8.58 7.26
N GLU A 187 8.07 -8.59 7.25
CA GLU A 187 6.97 -9.54 7.14
CA GLU A 187 6.99 -9.56 7.12
C GLU A 187 7.00 -10.35 5.84
C GLU A 187 7.11 -10.41 5.87
N ILE A 188 7.69 -9.88 4.81
CA ILE A 188 7.72 -10.55 3.52
C ILE A 188 9.08 -11.16 3.24
N ALA A 189 10.14 -10.38 3.44
CA ALA A 189 11.47 -10.78 3.02
C ALA A 189 12.25 -11.49 4.12
N ASN A 190 11.64 -11.72 5.27
CA ASN A 190 12.32 -12.40 6.36
C ASN A 190 13.63 -11.71 6.74
N SER A 191 13.62 -10.38 6.75
CA SER A 191 14.78 -9.55 7.00
C SER A 191 14.49 -8.58 8.14
N PRO A 192 14.27 -9.09 9.35
CA PRO A 192 13.92 -8.19 10.46
C PRO A 192 15.02 -7.19 10.78
N GLU A 193 16.29 -7.54 10.65
CA GLU A 193 17.35 -6.56 10.92
C GLU A 193 17.30 -5.41 9.93
N GLU A 194 17.09 -5.70 8.65
CA GLU A 194 16.98 -4.62 7.66
C GLU A 194 15.76 -3.76 7.97
N ALA A 195 14.66 -4.39 8.37
CA ALA A 195 13.45 -3.64 8.72
C ALA A 195 13.71 -2.66 9.85
N ILE A 196 14.39 -3.13 10.90
CA ILE A 196 14.66 -2.32 12.07
C ILE A 196 15.66 -1.22 11.72
N SER A 197 16.71 -1.55 11.00
CA SER A 197 17.70 -0.55 10.61
C SER A 197 17.06 0.55 9.79
N LEU A 198 16.23 0.18 8.81
CA LEU A 198 15.59 1.18 7.97
C LEU A 198 14.67 2.08 8.80
N ALA A 199 13.85 1.50 9.66
CA ALA A 199 12.96 2.32 10.47
C ALA A 199 13.75 3.27 11.36
N LYS A 200 14.82 2.79 11.97
CA LYS A 200 15.57 3.62 12.89
C LYS A 200 16.29 4.75 12.16
N THR A 201 16.99 4.43 11.09
CA THR A 201 17.69 5.47 10.35
C THR A 201 16.72 6.51 9.78
N THR A 202 15.58 6.05 9.28
CA THR A 202 14.58 6.98 8.76
C THR A 202 14.09 7.91 9.87
N PHE A 203 13.79 7.35 11.04
CA PHE A 203 13.30 8.16 12.15
C PHE A 203 14.35 9.19 12.55
N ASP A 204 15.61 8.76 12.69
CA ASP A 204 16.63 9.66 13.19
C ASP A 204 16.93 10.77 12.19
N GLU A 205 16.94 10.45 10.91
CA GLU A 205 17.20 11.50 9.92
C GLU A 205 16.04 12.47 9.82
N ALA A 206 14.82 12.00 10.03
CA ALA A 206 13.68 12.91 10.06
C ALA A 206 13.76 13.83 11.27
N MET A 207 14.06 13.27 12.45
CA MET A 207 14.19 14.05 13.66
C MET A 207 15.09 15.26 13.44
N ALA A 208 16.23 15.03 12.79
CA ALA A 208 17.22 16.07 12.60
C ALA A 208 16.77 17.16 11.64
N ASP A 209 15.75 16.91 10.82
CA ASP A 209 15.25 17.87 9.85
C ASP A 209 13.98 18.55 10.30
N LEU A 210 13.42 18.17 11.44
CA LEU A 210 12.17 18.79 11.89
C LEU A 210 12.34 20.29 12.11
N HIS A 211 13.55 20.73 12.47
CA HIS A 211 13.79 22.14 12.79
C HIS A 211 13.51 23.06 11.61
N THR A 212 13.45 22.51 10.40
CA THR A 212 13.24 23.33 9.20
C THR A 212 11.78 23.58 8.91
N LEU A 213 10.87 22.96 9.64
CA LEU A 213 9.48 22.88 9.24
C LEU A 213 8.58 23.87 9.97
N SER A 214 7.49 24.23 9.30
CA SER A 214 6.39 24.94 9.93
C SER A 214 5.67 24.02 10.90
N GLU A 215 4.79 24.61 11.70
CA GLU A 215 4.01 23.83 12.66
C GLU A 215 3.16 22.78 11.94
N ASP A 216 2.55 23.15 10.81
CA ASP A 216 1.68 22.19 10.14
C ASP A 216 2.48 21.06 9.51
N SER A 217 3.61 21.37 8.89
CA SER A 217 4.45 20.31 8.33
C SER A 217 5.00 19.42 9.43
N TYR A 218 5.36 20.01 10.56
CA TYR A 218 5.87 19.24 11.70
C TYR A 218 4.83 18.24 12.16
N LYS A 219 3.57 18.65 12.24
CA LYS A 219 2.52 17.72 12.61
C LYS A 219 2.43 16.56 11.63
N ASP A 220 2.50 16.86 10.32
CA ASP A 220 2.40 15.81 9.32
C ASP A 220 3.55 14.82 9.47
N SER A 221 4.77 15.33 9.59
CA SER A 221 5.94 14.47 9.64
C SER A 221 5.97 13.65 10.92
N THR A 222 5.70 14.28 12.07
CA THR A 222 5.80 13.54 13.32
C THR A 222 4.74 12.46 13.41
N LEU A 223 3.60 12.64 12.76
CA LEU A 223 2.59 11.57 12.72
C LEU A 223 3.17 10.29 12.16
N ILE A 224 3.85 10.38 11.02
CA ILE A 224 4.44 9.20 10.41
C ILE A 224 5.64 8.71 11.20
N MET A 225 6.42 9.61 11.80
CA MET A 225 7.54 9.20 12.58
C MET A 225 7.08 8.36 13.77
N GLN A 226 5.91 8.69 14.32
CA GLN A 226 5.37 7.90 15.43
C GLN A 226 5.02 6.48 14.99
N LEU A 227 4.57 6.29 13.74
CA LEU A 227 4.31 4.95 13.24
C LEU A 227 5.61 4.16 13.12
N LEU A 228 6.70 4.80 12.68
CA LEU A 228 8.00 4.14 12.68
C LEU A 228 8.38 3.69 14.07
N ARG A 229 8.21 4.59 15.05
CA ARG A 229 8.53 4.26 16.44
C ARG A 229 7.64 3.12 16.93
N ASP A 230 6.35 3.14 16.59
CA ASP A 230 5.45 2.08 17.02
C ASP A 230 5.93 0.73 16.51
N ASN A 231 6.33 0.67 15.24
CA ASN A 231 6.83 -0.59 14.70
C ASN A 231 8.13 -1.00 15.38
N LEU A 232 9.05 -0.05 15.59
CA LEU A 232 10.27 -0.38 16.31
C LEU A 232 9.98 -0.95 17.69
N THR A 233 8.98 -0.40 18.38
CA THR A 233 8.61 -0.92 19.69
C THR A 233 8.06 -2.34 19.57
N LEU A 234 7.27 -2.61 18.53
CA LEU A 234 6.77 -3.96 18.33
C LEU A 234 7.90 -4.95 18.11
N TRP A 235 8.97 -4.53 17.45
CA TRP A 235 9.98 -5.43 16.94
C TRP A 235 11.21 -5.56 17.83
N THR A 236 11.31 -4.78 18.89
CA THR A 236 12.47 -4.78 19.76
C THR A 236 12.05 -4.91 21.23
N PHE B 1 -0.60 -6.53 13.84
CA PHE B 1 0.09 -6.19 12.59
C PHE B 1 0.80 -4.85 12.71
N PRO B 2 1.91 -4.68 11.99
CA PRO B 2 2.63 -3.42 12.04
C PRO B 2 1.94 -2.35 11.20
N ALA B 3 2.29 -1.09 11.48
CA ALA B 3 1.68 0.05 10.83
C ALA B 3 2.21 0.26 9.41
N TPO B 4 1.31 0.52 8.47
CA TPO B 4 1.67 0.95 7.11
CB TPO B 4 1.59 -0.23 6.10
CG2 TPO B 4 2.65 -1.27 6.40
OG1 TPO B 4 0.28 -0.79 6.29
P TPO B 4 -0.28 -1.88 5.23
O1P TPO B 4 -1.85 -1.88 5.50
O2P TPO B 4 0.31 -3.22 5.48
O3P TPO B 4 0.05 -1.40 3.80
C TPO B 4 0.72 2.07 6.70
O TPO B 4 -0.38 2.18 7.26
N VAL B 5 1.12 2.88 5.74
CA VAL B 5 0.27 3.95 5.26
C VAL B 5 0.10 3.93 3.76
MG MG C . 20.04 1.21 2.22
MG MG D . -12.98 14.94 -21.84
MG MG E . -5.14 -19.08 -5.00
C02 GEH F . 1.81 8.59 2.54
C03 GEH F . 2.38 9.46 3.44
O06 GEH F . -0.48 10.60 5.35
C07 GEH F . -1.70 10.14 5.99
C08 GEH F . -2.87 10.23 5.01
C11 GEH F . -3.96 10.14 2.04
O13 GEH F . -3.93 9.65 5.24
C14 GEH F . -1.55 8.70 6.47
C04 GEH F . 1.58 10.08 4.37
C05 GEH F . 0.22 9.81 4.41
C10 GEH F . -3.77 11.28 3.02
C15 GEH F . -1.95 11.08 7.15
C16 GEH F . -0.34 8.90 3.52
C17 GEH F . 0.46 8.29 2.58
N09 GEH F . -2.70 11.01 3.95
S12 GEH F . -2.75 10.26 0.69
CL1 GEH F . 2.81 7.83 1.33
H1 GEH F . 3.45 9.67 3.40
H2 GEH F . -3.86 9.18 2.53
H3 GEH F . -4.97 10.15 1.61
H4 GEH F . -2.39 8.40 7.08
H5 GEH F . -1.49 8.00 5.63
H6 GEH F . -0.65 8.56 7.07
H7 GEH F . 2.02 10.79 5.08
H8 GEH F . -4.70 11.47 3.55
H9 GEH F . -3.57 12.20 2.46
H10 GEH F . -2.08 12.11 6.81
H11 GEH F . -1.13 11.07 7.86
H12 GEH F . -2.86 10.80 7.69
H13 GEH F . -1.40 8.67 3.57
H14 GEH F . 0.04 7.59 1.87
H15 GEH F . -1.80 11.45 3.74
H16 GEH F . -2.08 9.13 0.92
C1 SG0 G . -4.24 16.96 -0.73
C2 SG0 G . -2.75 16.93 -1.01
C3 SG0 G . -4.61 15.36 1.12
C4 SG0 G . -5.65 14.55 1.56
C5 SG0 G . -7.59 13.07 1.98
C6 SG0 G . -8.74 12.22 1.81
C10 SG0 G . -5.00 14.38 5.29
C11 SG0 G . -3.81 15.53 3.36
N SG0 G . -8.77 11.19 2.67
C SG0 G . -4.68 18.12 0.14
O SG0 G . -4.60 15.63 -0.24
C12 SG0 G . -3.68 15.84 2.02
C7 SG0 G . -6.93 13.36 3.12
C8 SG0 G . -5.80 14.21 2.92
C9 SG0 G . -4.85 14.72 3.82
N1 SG0 G . -9.65 12.43 0.93
N2 SG0 G . -5.79 15.27 5.75
O1 SG0 G . -3.81 14.64 5.98
S SG0 G . -6.89 13.82 0.56
H3 SG0 G . -4.84 17.06 -1.64
H4 SG0 G . -2.16 17.16 -0.12
H6 SG0 G . -2.46 17.65 -1.77
H5 SG0 G . -2.40 15.95 -1.35
H11 SG0 G . -5.33 13.36 5.43
H15 SG0 G . -3.08 15.93 4.07
H7 SG0 G . -9.53 10.52 2.66
H SG0 G . -4.11 18.18 1.06
H2 SG0 G . -5.73 18.05 0.42
H1 SG0 G . -4.55 19.08 -0.36
H16 SG0 G . -2.85 16.46 1.68
H10 SG0 G . -7.22 12.99 4.10
H9 SG0 G . -10.37 11.73 0.89
H13 SG0 G . -5.60 15.58 6.69
H12 SG0 G . -3.63 13.91 6.63
H14 SG0 G . -6.53 15.56 5.12
H8 SG0 G . -8.03 11.06 3.35
#